data_6MBF
#
_entry.id   6MBF
#
_cell.length_a   41.900
_cell.length_b   74.418
_cell.length_c   86.836
_cell.angle_alpha   90.000
_cell.angle_beta   90.000
_cell.angle_gamma   90.000
#
_symmetry.space_group_name_H-M   'P 21 21 21'
#
loop_
_entity.id
_entity.type
_entity.pdbx_description
1 polymer 'GphF Dehydratase 1'
2 non-polymer 'MAGNESIUM ION'
3 water water
#
_entity_poly.entity_id   1
_entity_poly.type   'polypeptide(L)'
_entity_poly.pdbx_seq_one_letter_code
;SNATGERFHPLLGRRVPDPAPGARCFTGTVSSDRPAYLGEHWVYDAIVVLGVTYLEMALAAASRLLPGNAADTLIVEDVT
VWSPLVLRAGAPARLRLRSEDERFEIHSAEPERSDDESAWTRHATGRIARRQLSPDATGQLPRLDGEAVELDAYYERMRI
YYGPRLRNIRHLERRGREAIGHVCLQGEEAQESASYELHPALLDACFQCVFALIYAHESHREPFVPLGCARIELRARGVR
EVRVHLRLHPPRSTDHNQTHTADLRLFDMEGRLVASVDALQLKRASKAALL
;
_entity_poly.pdbx_strand_id   A
#
loop_
_chem_comp.id
_chem_comp.type
_chem_comp.name
_chem_comp.formula
MG non-polymer 'MAGNESIUM ION' 'Mg 2'
#
# COMPACT_ATOMS: atom_id res chain seq x y z
N PHE A 8 14.24 -12.64 4.37
CA PHE A 8 14.31 -11.98 5.67
C PHE A 8 13.29 -10.83 5.76
N HIS A 9 12.95 -10.25 4.61
CA HIS A 9 11.73 -9.45 4.57
C HIS A 9 10.58 -10.31 4.07
N PRO A 10 9.38 -10.19 4.66
CA PRO A 10 8.30 -11.13 4.31
C PRO A 10 7.82 -11.04 2.87
N LEU A 11 8.10 -9.94 2.18
CA LEU A 11 7.71 -9.77 0.79
C LEU A 11 8.90 -9.69 -0.17
N LEU A 12 9.96 -8.97 0.23
CA LEU A 12 11.17 -8.87 -0.59
C LEU A 12 11.87 -10.22 -0.72
N GLY A 13 11.83 -11.03 0.33
CA GLY A 13 12.63 -12.24 0.36
C GLY A 13 14.05 -11.91 0.74
N ARG A 14 15.01 -12.46 -0.01
CA ARG A 14 16.42 -12.28 0.29
C ARG A 14 17.12 -11.63 -0.90
N ARG A 15 18.16 -10.84 -0.59
CA ARG A 15 18.99 -10.32 -1.68
C ARG A 15 19.87 -11.42 -2.23
N VAL A 16 19.87 -11.56 -3.56
CA VAL A 16 20.69 -12.58 -4.21
C VAL A 16 21.92 -11.88 -4.77
N PRO A 17 22.98 -12.61 -5.16
CA PRO A 17 24.12 -11.94 -5.79
C PRO A 17 23.69 -11.11 -6.99
N ASP A 18 24.28 -9.92 -7.12
CA ASP A 18 23.98 -9.00 -8.21
C ASP A 18 23.98 -9.75 -9.54
N PRO A 19 22.86 -9.80 -10.27
CA PRO A 19 22.83 -10.56 -11.52
C PRO A 19 23.75 -10.01 -12.60
N ALA A 20 24.07 -8.72 -12.56
CA ALA A 20 25.01 -8.08 -13.45
C ALA A 20 25.61 -6.89 -12.71
N PRO A 21 26.77 -6.39 -13.15
CA PRO A 21 27.37 -5.23 -12.46
C PRO A 21 26.42 -4.06 -12.33
N GLY A 22 26.17 -3.62 -11.10
CA GLY A 22 25.29 -2.50 -10.84
C GLY A 22 23.81 -2.84 -10.80
N ALA A 23 23.45 -4.10 -11.01
CA ALA A 23 22.05 -4.53 -10.98
C ALA A 23 21.80 -5.31 -9.71
N ARG A 24 20.85 -4.83 -8.91
CA ARG A 24 20.52 -5.45 -7.64
C ARG A 24 19.22 -6.24 -7.76
N CYS A 25 19.08 -7.28 -6.95
CA CYS A 25 17.91 -8.14 -7.07
C CYS A 25 17.57 -8.79 -5.74
N PHE A 26 16.29 -8.77 -5.41
CA PHE A 26 15.73 -9.54 -4.30
C PHE A 26 14.76 -10.57 -4.87
N THR A 27 14.67 -11.73 -4.22
CA THR A 27 13.66 -12.69 -4.65
C THR A 27 13.15 -13.46 -3.45
N GLY A 28 11.89 -13.88 -3.54
CA GLY A 28 11.29 -14.68 -2.50
C GLY A 28 10.07 -15.39 -3.07
N THR A 29 9.39 -16.10 -2.19
CA THR A 29 8.16 -16.80 -2.52
C THR A 29 7.07 -16.36 -1.56
N VAL A 30 5.89 -16.07 -2.09
CA VAL A 30 4.72 -15.75 -1.28
C VAL A 30 3.57 -16.65 -1.71
N SER A 31 2.53 -16.69 -0.86
CA SER A 31 1.27 -17.30 -1.24
C SER A 31 0.15 -16.56 -0.53
N SER A 32 -1.08 -16.91 -0.89
CA SER A 32 -2.24 -16.34 -0.20
C SER A 32 -2.24 -16.66 1.29
N ASP A 33 -1.44 -17.64 1.73
CA ASP A 33 -1.34 -18.00 3.14
C ASP A 33 -0.19 -17.31 3.87
N ARG A 34 0.78 -16.72 3.16
CA ARG A 34 1.95 -16.17 3.83
C ARG A 34 2.61 -15.11 2.96
N PRO A 35 2.62 -13.84 3.37
CA PRO A 35 1.89 -13.27 4.50
C PRO A 35 0.37 -13.46 4.38
N ALA A 36 -0.29 -13.67 5.51
CA ALA A 36 -1.69 -14.09 5.50
C ALA A 36 -2.60 -13.04 4.86
N TYR A 37 -2.25 -11.75 4.96
CA TYR A 37 -3.12 -10.72 4.41
C TYR A 37 -3.21 -10.81 2.88
N LEU A 38 -2.24 -11.46 2.24
CA LEU A 38 -2.29 -11.69 0.79
C LEU A 38 -3.45 -12.59 0.37
N GLY A 39 -4.09 -13.29 1.32
CA GLY A 39 -5.27 -14.07 1.01
C GLY A 39 -6.57 -13.44 1.44
N GLU A 40 -6.57 -12.15 1.80
CA GLU A 40 -7.76 -11.53 2.36
C GLU A 40 -8.24 -10.32 1.55
N HIS A 41 -7.82 -10.18 0.30
CA HIS A 41 -8.35 -9.15 -0.58
C HIS A 41 -8.75 -9.79 -1.90
N TRP A 42 -10.00 -9.55 -2.32
CA TRP A 42 -10.54 -10.12 -3.54
C TRP A 42 -11.13 -9.03 -4.42
N VAL A 43 -11.08 -9.28 -5.73
CA VAL A 43 -11.82 -8.51 -6.73
C VAL A 43 -12.40 -9.50 -7.72
N TYR A 44 -13.73 -9.43 -7.92
CA TYR A 44 -14.41 -10.38 -8.80
C TYR A 44 -14.08 -11.83 -8.42
N ASP A 45 -14.06 -12.10 -7.11
CA ASP A 45 -13.84 -13.41 -6.51
C ASP A 45 -12.42 -13.94 -6.71
N ALA A 46 -11.51 -13.19 -7.31
CA ALA A 46 -10.12 -13.60 -7.43
C ALA A 46 -9.32 -12.99 -6.29
N ILE A 47 -8.35 -13.74 -5.78
CA ILE A 47 -7.42 -13.19 -4.79
C ILE A 47 -6.46 -12.26 -5.52
N VAL A 48 -6.46 -10.98 -5.13
CA VAL A 48 -5.65 -9.95 -5.80
C VAL A 48 -4.73 -9.31 -4.77
N VAL A 49 -3.43 -9.38 -5.03
CA VAL A 49 -2.46 -8.79 -4.12
C VAL A 49 -2.67 -7.28 -4.06
N LEU A 50 -2.80 -6.75 -2.85
CA LEU A 50 -2.99 -5.30 -2.67
C LEU A 50 -1.79 -4.53 -3.18
N GLY A 51 -2.06 -3.42 -3.88
CA GLY A 51 -0.99 -2.55 -4.38
C GLY A 51 -0.05 -2.03 -3.31
N VAL A 52 -0.52 -1.87 -2.07
CA VAL A 52 0.36 -1.42 -1.00
C VAL A 52 1.51 -2.39 -0.79
N THR A 53 1.33 -3.66 -1.16
CA THR A 53 2.42 -4.64 -1.15
C THR A 53 3.64 -4.12 -1.90
N TYR A 54 3.40 -3.51 -3.07
CA TYR A 54 4.51 -3.03 -3.89
C TYR A 54 5.17 -1.81 -3.26
N LEU A 55 4.37 -0.93 -2.65
CA LEU A 55 4.96 0.22 -1.97
C LEU A 55 5.86 -0.23 -0.83
N GLU A 56 5.42 -1.22 -0.05
CA GLU A 56 6.25 -1.73 1.04
C GLU A 56 7.54 -2.35 0.51
N MET A 57 7.43 -3.17 -0.54
CA MET A 57 8.63 -3.78 -1.11
C MET A 57 9.63 -2.71 -1.55
N ALA A 58 9.13 -1.62 -2.15
CA ALA A 58 10.01 -0.54 -2.60
C ALA A 58 10.64 0.20 -1.42
N LEU A 59 9.86 0.50 -0.38
CA LEU A 59 10.44 1.13 0.81
C LEU A 59 11.49 0.23 1.44
N ALA A 60 11.21 -1.07 1.51
CA ALA A 60 12.14 -2.02 2.08
C ALA A 60 13.41 -2.12 1.24
N ALA A 61 13.26 -2.09 -0.09
CA ALA A 61 14.42 -2.06 -0.97
C ALA A 61 15.22 -0.78 -0.79
N ALA A 62 14.52 0.36 -0.67
CA ALA A 62 15.23 1.61 -0.41
C ALA A 62 16.07 1.53 0.85
N SER A 63 15.51 0.92 1.90
CA SER A 63 16.23 0.84 3.17
C SER A 63 17.48 -0.02 3.04
N ARG A 64 17.40 -1.11 2.29
CA ARG A 64 18.50 -2.07 2.23
C ARG A 64 19.53 -1.73 1.16
N LEU A 65 19.14 -1.06 0.08
CA LEU A 65 20.06 -0.77 -1.02
C LEU A 65 20.68 0.61 -0.94
N LEU A 66 19.96 1.58 -0.42
CA LEU A 66 20.43 2.96 -0.54
C LEU A 66 21.11 3.42 0.74
N PRO A 67 22.17 4.21 0.62
CA PRO A 67 22.93 4.61 1.80
C PRO A 67 22.21 5.68 2.60
N GLY A 68 22.57 5.74 3.87
CA GLY A 68 22.11 6.80 4.74
C GLY A 68 22.06 6.35 6.18
N ASN A 69 21.87 7.32 7.07
CA ASN A 69 21.55 6.99 8.45
C ASN A 69 20.24 6.21 8.48
N ALA A 70 20.12 5.31 9.46
CA ALA A 70 18.90 4.54 9.61
C ALA A 70 17.68 5.44 9.69
N ALA A 71 17.85 6.61 10.32
CA ALA A 71 16.76 7.56 10.57
C ALA A 71 16.39 8.40 9.34
N ASP A 72 17.12 8.27 8.24
CA ASP A 72 16.76 9.02 7.04
C ASP A 72 15.39 8.56 6.54
N THR A 73 14.70 9.47 5.83
CA THR A 73 13.41 9.13 5.25
C THR A 73 13.60 8.19 4.06
N LEU A 74 12.65 7.29 3.87
CA LEU A 74 12.60 6.41 2.71
C LEU A 74 11.59 6.97 1.72
N ILE A 75 11.95 6.98 0.44
CA ILE A 75 11.12 7.64 -0.57
C ILE A 75 10.87 6.67 -1.73
N VAL A 76 9.62 6.63 -2.20
CA VAL A 76 9.28 5.96 -3.45
C VAL A 76 8.53 6.97 -4.30
N GLU A 77 8.92 7.11 -5.58
CA GLU A 77 8.26 8.06 -6.46
C GLU A 77 7.90 7.39 -7.78
N ASP A 78 6.96 8.03 -8.50
CA ASP A 78 6.64 7.65 -9.87
C ASP A 78 6.17 6.21 -9.97
N VAL A 79 5.33 5.79 -9.03
CA VAL A 79 4.90 4.40 -8.98
C VAL A 79 3.75 4.19 -9.97
N THR A 80 3.89 3.15 -10.79
CA THR A 80 2.81 2.69 -11.66
C THR A 80 2.56 1.21 -11.37
N VAL A 81 1.29 0.85 -11.20
CA VAL A 81 0.87 -0.55 -11.13
C VAL A 81 0.45 -0.98 -12.54
N TRP A 82 1.17 -1.94 -13.12
CA TRP A 82 0.97 -2.36 -14.50
C TRP A 82 -0.04 -3.49 -14.67
N SER A 83 0.04 -4.54 -13.85
CA SER A 83 -0.81 -5.70 -13.99
C SER A 83 -1.06 -6.20 -12.58
N PRO A 84 -2.30 -6.54 -12.23
CA PRO A 84 -2.55 -7.12 -10.91
C PRO A 84 -1.87 -8.47 -10.79
N LEU A 85 -1.55 -8.84 -9.56
CA LEU A 85 -1.03 -10.16 -9.24
C LEU A 85 -2.19 -10.96 -8.65
N VAL A 86 -2.69 -11.92 -9.42
CA VAL A 86 -3.75 -12.80 -8.97
C VAL A 86 -3.10 -14.05 -8.41
N LEU A 87 -3.45 -14.39 -7.17
CA LEU A 87 -3.00 -15.62 -6.55
C LEU A 87 -4.12 -16.65 -6.59
N ARG A 88 -3.78 -17.90 -6.86
CA ARG A 88 -4.70 -19.00 -6.58
C ARG A 88 -4.43 -19.49 -5.16
N ALA A 89 -5.49 -19.64 -4.39
CA ALA A 89 -5.40 -19.98 -2.97
C ALA A 89 -4.37 -21.08 -2.71
N GLY A 90 -3.39 -20.76 -1.86
CA GLY A 90 -2.39 -21.74 -1.46
C GLY A 90 -1.28 -22.01 -2.46
N ALA A 91 -1.40 -21.58 -3.71
CA ALA A 91 -0.36 -21.85 -4.70
C ALA A 91 0.74 -20.79 -4.60
N PRO A 92 1.99 -21.17 -4.38
CA PRO A 92 3.06 -20.18 -4.24
C PRO A 92 3.34 -19.45 -5.55
N ALA A 93 3.80 -18.21 -5.40
CA ALA A 93 4.27 -17.38 -6.50
C ALA A 93 5.64 -16.82 -6.15
N ARG A 94 6.55 -16.86 -7.12
CA ARG A 94 7.84 -16.19 -6.98
C ARG A 94 7.66 -14.69 -7.14
N LEU A 95 8.28 -13.92 -6.25
CA LEU A 95 8.30 -12.47 -6.32
C LEU A 95 9.74 -11.98 -6.50
N ARG A 96 9.90 -10.91 -7.27
CA ARG A 96 11.23 -10.39 -7.57
C ARG A 96 11.17 -8.88 -7.63
N LEU A 97 12.08 -8.22 -6.92
CA LEU A 97 12.32 -6.80 -7.09
C LEU A 97 13.73 -6.64 -7.62
N ARG A 98 13.85 -6.00 -8.77
CA ARG A 98 15.15 -5.71 -9.36
C ARG A 98 15.33 -4.20 -9.44
N SER A 99 16.58 -3.77 -9.33
CA SER A 99 16.88 -2.35 -9.26
C SER A 99 18.16 -2.07 -9.99
N GLU A 100 18.20 -0.94 -10.70
CA GLU A 100 19.45 -0.39 -11.20
C GLU A 100 19.37 1.11 -11.08
N ASP A 101 20.44 1.71 -10.57
CA ASP A 101 20.45 3.15 -10.23
C ASP A 101 19.31 3.36 -9.24
N GLU A 102 18.40 4.31 -9.48
CA GLU A 102 17.34 4.58 -8.53
C GLU A 102 16.02 3.92 -8.92
N ARG A 103 15.98 3.11 -9.99
N ARG A 103 16.01 3.13 -9.99
CA ARG A 103 14.73 2.59 -10.52
CA ARG A 103 14.80 2.51 -10.47
C ARG A 103 14.54 1.12 -10.15
C ARG A 103 14.56 1.18 -9.79
N PHE A 104 13.30 0.75 -9.78
CA PHE A 104 12.97 -0.60 -9.38
C PHE A 104 11.83 -1.14 -10.24
N GLU A 105 11.77 -2.46 -10.32
CA GLU A 105 10.66 -3.17 -10.95
C GLU A 105 10.32 -4.38 -10.10
N ILE A 106 9.02 -4.68 -10.03
CA ILE A 106 8.53 -5.84 -9.30
C ILE A 106 7.81 -6.75 -10.27
N HIS A 107 8.23 -8.02 -10.31
CA HIS A 107 7.67 -9.04 -11.18
C HIS A 107 7.31 -10.27 -10.36
N SER A 108 6.42 -11.10 -10.92
CA SER A 108 6.12 -12.40 -10.34
C SER A 108 6.24 -13.47 -11.40
N ALA A 109 6.35 -14.72 -10.94
CA ALA A 109 6.42 -15.86 -11.84
C ALA A 109 5.89 -17.10 -11.13
N GLU A 110 5.36 -18.04 -11.91
CA GLU A 110 5.13 -19.38 -11.39
C GLU A 110 6.47 -19.99 -11.00
N PRO A 111 6.58 -20.59 -9.81
CA PRO A 111 7.87 -21.15 -9.40
C PRO A 111 8.44 -22.17 -10.37
N GLU A 112 7.59 -22.91 -11.07
CA GLU A 112 8.08 -23.90 -12.02
C GLU A 112 8.70 -23.28 -13.26
N ARG A 113 8.39 -22.01 -13.55
CA ARG A 113 8.87 -21.34 -14.75
C ARG A 113 9.76 -20.14 -14.42
N SER A 114 10.24 -20.03 -13.19
CA SER A 114 10.89 -18.80 -12.75
C SER A 114 12.31 -18.62 -13.28
N ASP A 115 12.84 -19.58 -14.04
CA ASP A 115 14.14 -19.39 -14.68
C ASP A 115 14.01 -18.97 -16.13
N ASP A 116 12.80 -18.94 -16.67
CA ASP A 116 12.54 -18.39 -18.00
C ASP A 116 12.18 -16.92 -17.85
N GLU A 117 13.06 -16.04 -18.34
CA GLU A 117 12.88 -14.61 -18.13
C GLU A 117 11.56 -14.11 -18.71
N SER A 118 11.04 -14.77 -19.74
CA SER A 118 9.77 -14.37 -20.34
C SER A 118 8.57 -14.85 -19.53
N ALA A 119 8.78 -15.63 -18.48
CA ALA A 119 7.68 -16.08 -17.64
C ALA A 119 7.35 -15.11 -16.51
N TRP A 120 8.00 -13.96 -16.45
CA TRP A 120 7.80 -13.01 -15.36
C TRP A 120 6.84 -11.91 -15.80
N THR A 121 5.83 -11.65 -14.98
CA THR A 121 4.84 -10.62 -15.24
C THR A 121 5.17 -9.38 -14.43
N ARG A 122 5.25 -8.23 -15.09
CA ARG A 122 5.56 -6.97 -14.43
C ARG A 122 4.32 -6.45 -13.70
N HIS A 123 4.46 -6.19 -12.40
CA HIS A 123 3.34 -5.69 -11.60
C HIS A 123 3.48 -4.25 -11.19
N ALA A 124 4.69 -3.78 -10.85
CA ALA A 124 4.82 -2.40 -10.38
C ALA A 124 6.24 -1.92 -10.61
N THR A 125 6.37 -0.62 -10.89
CA THR A 125 7.66 0.02 -11.14
C THR A 125 7.66 1.42 -10.53
N GLY A 126 8.87 1.93 -10.31
CA GLY A 126 9.01 3.29 -9.79
C GLY A 126 10.47 3.58 -9.49
N ARG A 127 10.68 4.60 -8.65
CA ARG A 127 12.02 5.02 -8.26
C ARG A 127 12.11 5.07 -6.74
N ILE A 128 13.31 4.87 -6.22
CA ILE A 128 13.52 4.90 -4.78
C ILE A 128 14.61 5.92 -4.45
N ALA A 129 14.51 6.47 -3.25
CA ALA A 129 15.49 7.46 -2.79
C ALA A 129 15.47 7.46 -1.27
N ARG A 130 16.44 8.18 -0.71
CA ARG A 130 16.62 8.28 0.73
C ARG A 130 17.18 9.66 1.02
N ARG A 131 16.64 10.33 2.04
CA ARG A 131 17.03 11.69 2.33
C ARG A 131 17.17 11.87 3.83
N GLN A 132 18.18 12.65 4.25
CA GLN A 132 18.36 12.91 5.67
C GLN A 132 17.20 13.75 6.20
N LEU A 133 16.78 13.43 7.43
CA LEU A 133 15.57 13.98 8.02
C LEU A 133 15.54 15.51 8.08
N GLY A 139 3.59 20.43 8.53
CA GLY A 139 2.17 20.15 8.50
C GLY A 139 1.70 19.39 9.73
N GLN A 140 0.48 19.68 10.18
CA GLN A 140 -0.08 19.08 11.37
C GLN A 140 -1.45 18.49 11.07
N LEU A 141 -1.86 17.55 11.90
CA LEU A 141 -3.19 16.97 11.81
C LEU A 141 -4.24 18.05 12.05
N PRO A 142 -5.15 18.28 11.11
CA PRO A 142 -6.14 19.35 11.29
C PRO A 142 -7.17 18.99 12.35
N ARG A 143 -7.80 20.04 12.90
CA ARG A 143 -8.95 19.87 13.78
C ARG A 143 -10.17 19.98 12.86
N LEU A 144 -10.56 18.83 12.30
CA LEU A 144 -11.54 18.82 11.22
C LEU A 144 -12.96 19.11 11.71
N ASP A 145 -13.29 18.67 12.91
CA ASP A 145 -14.66 18.76 13.42
C ASP A 145 -15.63 18.15 12.41
N GLY A 146 -15.35 16.91 12.02
CA GLY A 146 -16.07 16.29 10.93
C GLY A 146 -17.30 15.55 11.38
N GLU A 147 -17.99 14.99 10.40
CA GLU A 147 -19.13 14.12 10.63
C GLU A 147 -18.65 12.68 10.64
N ALA A 148 -19.05 11.92 11.66
CA ALA A 148 -18.60 10.54 11.77
C ALA A 148 -19.08 9.70 10.58
N VAL A 149 -18.18 8.89 10.04
CA VAL A 149 -18.54 7.89 9.04
C VAL A 149 -18.85 6.58 9.74
N GLU A 150 -20.01 6.01 9.46
CA GLU A 150 -20.42 4.76 10.09
C GLU A 150 -19.63 3.62 9.44
N LEU A 151 -18.66 3.08 10.18
CA LEU A 151 -17.70 2.15 9.58
C LEU A 151 -18.23 0.72 9.48
N ASP A 152 -19.15 0.31 10.37
CA ASP A 152 -19.66 -1.05 10.28
C ASP A 152 -20.39 -1.28 8.96
N ALA A 153 -21.21 -0.31 8.54
CA ALA A 153 -21.89 -0.43 7.26
C ALA A 153 -20.90 -0.48 6.11
N TYR A 154 -19.83 0.32 6.20
CA TYR A 154 -18.76 0.28 5.20
C TYR A 154 -18.11 -1.09 5.14
N TYR A 155 -17.70 -1.62 6.29
CA TYR A 155 -17.03 -2.92 6.33
C TYR A 155 -17.93 -4.03 5.80
N GLU A 156 -19.22 -4.00 6.14
CA GLU A 156 -20.12 -5.05 5.71
C GLU A 156 -20.32 -5.02 4.20
N ARG A 157 -20.43 -3.82 3.62
CA ARG A 157 -20.51 -3.71 2.16
C ARG A 157 -19.21 -4.14 1.49
N MET A 158 -18.07 -3.85 2.11
CA MET A 158 -16.78 -4.16 1.52
C MET A 158 -16.29 -5.58 1.82
N ARG A 159 -17.06 -6.38 2.56
CA ARG A 159 -16.53 -7.68 2.93
C ARG A 159 -16.42 -8.64 1.75
N ILE A 160 -17.03 -8.31 0.61
CA ILE A 160 -16.80 -9.07 -0.61
C ILE A 160 -15.41 -8.82 -1.18
N TYR A 161 -14.75 -7.74 -0.74
CA TYR A 161 -13.40 -7.43 -1.16
C TYR A 161 -12.35 -7.63 -0.08
N TYR A 162 -12.74 -7.60 1.19
CA TYR A 162 -11.77 -7.52 2.28
C TYR A 162 -12.16 -8.47 3.39
N GLY A 163 -11.18 -9.21 3.90
CA GLY A 163 -11.39 -10.08 5.04
C GLY A 163 -11.09 -9.42 6.37
N PRO A 164 -11.22 -10.19 7.46
CA PRO A 164 -11.16 -9.59 8.80
C PRO A 164 -9.80 -9.06 9.22
N ARG A 165 -8.71 -9.41 8.54
CA ARG A 165 -7.42 -8.81 8.86
C ARG A 165 -7.28 -7.40 8.30
N LEU A 166 -8.20 -6.98 7.44
CA LEU A 166 -8.08 -5.71 6.72
C LEU A 166 -9.27 -4.80 7.02
N ARG A 167 -9.62 -4.68 8.31
CA ARG A 167 -10.68 -3.78 8.78
C ARG A 167 -10.13 -2.99 9.96
N ASN A 168 -9.13 -2.15 9.69
CA ASN A 168 -8.30 -1.58 10.73
C ASN A 168 -8.56 -0.10 11.00
N ILE A 169 -9.60 0.47 10.39
CA ILE A 169 -10.04 1.83 10.70
C ILE A 169 -10.89 1.78 11.96
N ARG A 170 -10.49 2.55 12.98
N ARG A 170 -10.47 2.52 12.99
CA ARG A 170 -11.20 2.58 14.24
CA ARG A 170 -11.24 2.57 14.22
C ARG A 170 -12.18 3.74 14.36
C ARG A 170 -12.28 3.68 14.19
N HIS A 171 -11.91 4.84 13.66
CA HIS A 171 -12.79 6.01 13.62
C HIS A 171 -12.49 6.77 12.34
N LEU A 172 -13.51 7.41 11.79
CA LEU A 172 -13.33 8.19 10.57
C LEU A 172 -14.36 9.30 10.59
N GLU A 173 -13.91 10.53 10.35
CA GLU A 173 -14.83 11.66 10.25
C GLU A 173 -14.50 12.48 9.00
N ARG A 174 -15.53 13.00 8.35
CA ARG A 174 -15.32 13.69 7.09
C ARG A 174 -15.90 15.10 7.13
N ARG A 175 -15.34 15.94 6.26
CA ARG A 175 -15.86 17.30 6.05
C ARG A 175 -15.49 17.68 4.63
N GLY A 176 -16.48 17.89 3.77
CA GLY A 176 -16.18 18.03 2.36
C GLY A 176 -15.48 16.79 1.82
N ARG A 177 -14.41 17.01 1.06
CA ARG A 177 -13.60 15.93 0.49
C ARG A 177 -12.40 15.58 1.37
N GLU A 178 -12.41 16.00 2.63
CA GLU A 178 -11.34 15.71 3.56
C GLU A 178 -11.84 14.82 4.69
N ALA A 179 -10.91 14.09 5.30
CA ALA A 179 -11.27 13.22 6.40
C ALA A 179 -10.07 13.04 7.31
N ILE A 180 -10.35 12.69 8.56
CA ILE A 180 -9.33 12.22 9.49
C ILE A 180 -9.77 10.85 9.99
N GLY A 181 -8.88 9.88 9.89
CA GLY A 181 -9.16 8.54 10.33
C GLY A 181 -8.14 8.14 11.39
N HIS A 182 -8.56 7.24 12.27
CA HIS A 182 -7.69 6.62 13.25
C HIS A 182 -7.60 5.14 12.88
N VAL A 183 -6.39 4.67 12.56
CA VAL A 183 -6.17 3.29 12.17
C VAL A 183 -5.20 2.66 13.15
N CYS A 184 -5.47 1.40 13.49
CA CYS A 184 -4.69 0.71 14.50
C CYS A 184 -4.63 -0.76 14.14
N LEU A 185 -3.43 -1.32 14.11
CA LEU A 185 -3.28 -2.75 13.87
C LEU A 185 -3.68 -3.52 15.11
N GLN A 186 -4.14 -4.75 14.89
N GLN A 186 -4.10 -4.77 14.87
CA GLN A 186 -4.45 -5.65 16.00
CA GLN A 186 -4.59 -5.68 15.89
C GLN A 186 -4.03 -7.06 15.60
C GLN A 186 -4.09 -7.09 15.56
N GLY A 187 -4.26 -8.00 16.52
CA GLY A 187 -3.99 -9.40 16.25
C GLY A 187 -2.57 -9.65 15.79
N GLU A 188 -2.44 -10.57 14.83
CA GLU A 188 -1.12 -10.94 14.31
C GLU A 188 -0.45 -9.76 13.63
N GLU A 189 -1.24 -8.91 12.96
CA GLU A 189 -0.65 -7.83 12.19
C GLU A 189 0.03 -6.81 13.11
N ALA A 190 -0.54 -6.58 14.30
CA ALA A 190 0.11 -5.70 15.26
C ALA A 190 1.37 -6.33 15.84
N GLN A 191 1.51 -7.65 15.77
CA GLN A 191 2.70 -8.31 16.30
C GLN A 191 3.87 -8.29 15.33
N GLU A 192 3.66 -7.82 14.11
CA GLU A 192 4.64 -7.89 13.03
C GLU A 192 5.29 -6.55 12.73
N SER A 193 5.37 -5.66 13.72
CA SER A 193 5.92 -4.32 13.46
C SER A 193 7.41 -4.38 13.12
N ALA A 194 8.13 -5.37 13.64
CA ALA A 194 9.54 -5.48 13.29
C ALA A 194 9.77 -5.98 11.88
N SER A 195 8.72 -6.44 11.19
CA SER A 195 8.92 -7.12 9.92
C SER A 195 8.82 -6.21 8.71
N TYR A 196 8.10 -5.10 8.82
CA TYR A 196 7.81 -4.22 7.69
C TYR A 196 8.31 -2.82 7.96
N GLU A 197 8.66 -2.10 6.89
CA GLU A 197 8.89 -0.68 7.05
C GLU A 197 7.60 0.03 7.42
N LEU A 198 6.55 -0.18 6.63
CA LEU A 198 5.20 0.28 6.96
C LEU A 198 4.25 -0.86 6.65
N HIS A 199 3.62 -1.42 7.67
CA HIS A 199 2.81 -2.61 7.46
C HIS A 199 1.78 -2.38 6.35
N PRO A 200 1.75 -3.24 5.33
CA PRO A 200 0.72 -3.10 4.28
C PRO A 200 -0.69 -2.97 4.82
N ALA A 201 -1.00 -3.68 5.91
CA ALA A 201 -2.34 -3.59 6.48
C ALA A 201 -2.65 -2.18 6.97
N LEU A 202 -1.64 -1.51 7.54
CA LEU A 202 -1.86 -0.15 8.03
C LEU A 202 -2.05 0.84 6.88
N LEU A 203 -1.18 0.79 5.87
CA LEU A 203 -1.35 1.71 4.76
C LEU A 203 -2.63 1.41 3.98
N ASP A 204 -2.97 0.14 3.79
CA ASP A 204 -4.25 -0.20 3.18
C ASP A 204 -5.42 0.40 3.94
N ALA A 205 -5.37 0.36 5.28
CA ALA A 205 -6.43 0.96 6.08
C ALA A 205 -6.55 2.47 5.80
N CYS A 206 -5.41 3.15 5.63
CA CYS A 206 -5.46 4.57 5.28
C CYS A 206 -6.09 4.78 3.91
N PHE A 207 -5.73 3.94 2.94
CA PHE A 207 -6.35 4.06 1.62
C PHE A 207 -7.83 3.73 1.67
N GLN A 208 -8.23 2.80 2.56
CA GLN A 208 -9.65 2.49 2.68
C GLN A 208 -10.46 3.66 3.26
N CYS A 209 -9.81 4.54 4.04
CA CYS A 209 -10.46 5.79 4.44
C CYS A 209 -10.85 6.61 3.21
N VAL A 210 -10.01 6.62 2.18
CA VAL A 210 -10.37 7.30 0.95
C VAL A 210 -11.58 6.62 0.31
N PHE A 211 -11.56 5.27 0.28
CA PHE A 211 -12.69 4.51 -0.25
C PHE A 211 -13.99 4.88 0.45
N ALA A 212 -13.95 4.96 1.78
CA ALA A 212 -15.15 5.23 2.55
C ALA A 212 -15.74 6.59 2.20
N LEU A 213 -14.89 7.58 1.90
CA LEU A 213 -15.42 8.86 1.47
C LEU A 213 -16.04 8.77 0.08
N ILE A 214 -15.33 8.14 -0.86
CA ILE A 214 -15.84 7.99 -2.22
C ILE A 214 -17.20 7.29 -2.22
N TYR A 215 -17.30 6.16 -1.52
CA TYR A 215 -18.47 5.29 -1.64
C TYR A 215 -19.68 5.83 -0.90
N ALA A 216 -19.53 6.95 -0.18
CA ALA A 216 -20.69 7.68 0.28
C ALA A 216 -21.50 8.24 -0.89
N HIS A 217 -20.88 8.43 -2.05
CA HIS A 217 -21.50 9.11 -3.18
C HIS A 217 -21.65 8.27 -4.43
N GLU A 218 -20.97 7.13 -4.54
CA GLU A 218 -21.09 6.30 -5.74
C GLU A 218 -20.85 4.85 -5.37
N SER A 219 -21.15 3.96 -6.33
CA SER A 219 -21.24 2.53 -6.05
C SER A 219 -19.87 1.92 -5.81
N HIS A 220 -19.83 0.92 -4.93
CA HIS A 220 -18.62 0.13 -4.73
C HIS A 220 -18.52 -1.05 -5.68
N ARG A 221 -19.49 -1.23 -6.60
CA ARG A 221 -19.28 -2.16 -7.70
C ARG A 221 -18.25 -1.58 -8.67
N GLU A 222 -17.48 -2.48 -9.32
CA GLU A 222 -16.32 -2.09 -10.11
C GLU A 222 -15.42 -1.21 -9.24
N PRO A 223 -14.85 -1.76 -8.17
CA PRO A 223 -14.28 -0.91 -7.12
C PRO A 223 -13.00 -0.24 -7.53
N PHE A 224 -12.73 0.90 -6.89
CA PHE A 224 -11.50 1.64 -7.16
C PHE A 224 -10.28 0.86 -6.69
N VAL A 225 -9.23 0.89 -7.50
CA VAL A 225 -7.97 0.21 -7.24
C VAL A 225 -6.83 1.22 -7.38
N PRO A 226 -5.84 1.25 -6.49
CA PRO A 226 -4.68 2.12 -6.70
C PRO A 226 -3.89 1.68 -7.93
N LEU A 227 -3.72 2.61 -8.88
CA LEU A 227 -2.94 2.35 -10.08
C LEU A 227 -1.64 3.12 -10.12
N GLY A 228 -1.50 4.15 -9.28
CA GLY A 228 -0.28 4.93 -9.31
C GLY A 228 -0.16 5.73 -8.04
N CYS A 229 1.04 6.27 -7.85
CA CYS A 229 1.33 7.11 -6.70
C CYS A 229 2.51 7.99 -7.07
N ALA A 230 2.35 9.32 -6.97
CA ALA A 230 3.45 10.21 -7.33
C ALA A 230 4.61 10.09 -6.34
N ARG A 231 4.30 10.00 -5.04
CA ARG A 231 5.35 9.97 -4.03
C ARG A 231 4.81 9.41 -2.74
N ILE A 232 5.59 8.56 -2.08
CA ILE A 232 5.36 8.20 -0.69
C ILE A 232 6.68 8.37 0.06
N GLU A 233 6.63 9.03 1.21
CA GLU A 233 7.80 9.21 2.05
C GLU A 233 7.51 8.69 3.44
N LEU A 234 8.43 7.90 3.99
CA LEU A 234 8.27 7.30 5.32
C LEU A 234 9.36 7.83 6.25
N ARG A 235 8.94 8.36 7.40
CA ARG A 235 9.86 8.97 8.36
C ARG A 235 10.06 8.15 9.62
N ALA A 236 9.22 7.16 9.89
CA ALA A 236 9.40 6.28 11.03
C ALA A 236 9.02 4.87 10.62
N ARG A 237 9.81 3.89 11.06
CA ARG A 237 9.59 2.49 10.71
C ARG A 237 8.78 1.79 11.81
N GLY A 238 8.09 0.72 11.41
CA GLY A 238 7.44 -0.15 12.36
C GLY A 238 6.27 0.45 13.11
N VAL A 239 5.56 1.41 12.51
CA VAL A 239 4.44 2.07 13.17
C VAL A 239 3.22 1.15 13.13
N ARG A 240 2.47 1.10 14.24
CA ARG A 240 1.30 0.24 14.35
C ARG A 240 -0.02 0.99 14.42
N GLU A 241 0.03 2.32 14.52
CA GLU A 241 -1.14 3.10 14.85
C GLU A 241 -0.90 4.54 14.41
N VAL A 242 -1.84 5.10 13.64
CA VAL A 242 -1.72 6.48 13.16
C VAL A 242 -3.08 7.14 13.15
N ARG A 243 -3.06 8.46 13.13
CA ARG A 243 -4.18 9.25 12.63
C ARG A 243 -3.79 9.75 11.25
N VAL A 244 -4.71 9.64 10.30
CA VAL A 244 -4.40 9.95 8.92
C VAL A 244 -5.33 11.06 8.45
N HIS A 245 -4.76 12.08 7.83
CA HIS A 245 -5.55 13.10 7.15
C HIS A 245 -5.49 12.82 5.65
N LEU A 246 -6.65 12.85 5.00
CA LEU A 246 -6.71 12.60 3.57
C LEU A 246 -7.49 13.72 2.89
N ARG A 247 -7.13 14.00 1.63
CA ARG A 247 -7.83 14.99 0.83
C ARG A 247 -8.04 14.44 -0.57
N LEU A 248 -9.31 14.29 -0.96
CA LEU A 248 -9.64 13.90 -2.33
C LEU A 248 -9.58 15.12 -3.24
N HIS A 249 -9.00 14.93 -4.43
CA HIS A 249 -9.01 15.97 -5.43
C HIS A 249 -10.43 16.15 -5.98
N PRO A 250 -10.73 17.30 -6.57
CA PRO A 250 -12.07 17.50 -7.13
C PRO A 250 -12.39 16.47 -8.19
N PRO A 251 -13.51 15.78 -8.06
CA PRO A 251 -13.88 14.75 -9.03
C PRO A 251 -14.43 15.37 -10.30
N ARG A 252 -14.37 14.59 -11.38
CA ARG A 252 -14.89 15.11 -12.64
C ARG A 252 -16.41 15.05 -12.69
N SER A 253 -17.02 14.13 -11.93
CA SER A 253 -18.47 13.95 -11.93
C SER A 253 -18.98 13.90 -10.51
N THR A 254 -20.16 14.49 -10.29
CA THR A 254 -20.88 14.34 -9.02
C THR A 254 -21.73 13.08 -9.00
N ASP A 255 -21.82 12.36 -10.11
CA ASP A 255 -22.61 11.14 -10.20
C ASP A 255 -21.73 9.90 -10.02
N HIS A 256 -20.77 9.70 -10.93
CA HIS A 256 -20.06 8.44 -10.99
C HIS A 256 -18.73 8.71 -11.69
N ASN A 257 -17.63 8.26 -11.10
CA ASN A 257 -16.31 8.55 -11.63
C ASN A 257 -15.55 7.25 -11.92
N GLN A 258 -14.74 7.29 -12.98
CA GLN A 258 -13.83 6.19 -13.24
C GLN A 258 -12.52 6.32 -12.46
N THR A 259 -12.15 7.54 -12.05
CA THR A 259 -10.90 7.76 -11.35
C THR A 259 -11.10 8.77 -10.22
N HIS A 260 -10.21 8.65 -9.22
CA HIS A 260 -10.06 9.64 -8.16
C HIS A 260 -8.58 9.79 -7.87
N THR A 261 -8.23 10.90 -7.24
CA THR A 261 -6.88 11.15 -6.77
C THR A 261 -6.95 11.67 -5.34
N ALA A 262 -5.99 11.27 -4.50
CA ALA A 262 -6.00 11.69 -3.11
C ALA A 262 -4.58 11.90 -2.61
N ASP A 263 -4.44 12.82 -1.66
CA ASP A 263 -3.22 13.01 -0.88
C ASP A 263 -3.48 12.59 0.56
N LEU A 264 -2.46 12.07 1.22
CA LEU A 264 -2.62 11.61 2.59
C LEU A 264 -1.40 11.98 3.42
N ARG A 265 -1.64 12.22 4.71
N ARG A 265 -1.63 12.20 4.71
N ARG A 265 -1.63 12.19 4.71
CA ARG A 265 -0.59 12.47 5.69
CA ARG A 265 -0.57 12.47 5.68
CA ARG A 265 -0.56 12.47 5.68
C ARG A 265 -0.87 11.60 6.90
C ARG A 265 -0.85 11.64 6.92
C ARG A 265 -0.84 11.65 6.92
N LEU A 266 0.12 10.80 7.29
CA LEU A 266 -0.02 9.90 8.44
C LEU A 266 0.76 10.47 9.62
N PHE A 267 0.13 10.50 10.80
CA PHE A 267 0.73 11.03 12.01
C PHE A 267 0.71 9.99 13.11
N ASP A 268 1.74 9.99 13.96
CA ASP A 268 1.64 9.12 15.12
C ASP A 268 0.67 9.72 16.13
N MET A 269 0.44 9.01 17.24
CA MET A 269 -0.56 9.48 18.19
C MET A 269 -0.12 10.71 18.98
N GLU A 270 1.14 11.15 18.81
CA GLU A 270 1.59 12.42 19.36
C GLU A 270 1.49 13.56 18.35
N GLY A 271 0.98 13.30 17.15
CA GLY A 271 0.88 14.33 16.13
C GLY A 271 2.11 14.52 15.26
N ARG A 272 3.13 13.67 15.40
CA ARG A 272 4.32 13.77 14.57
C ARG A 272 4.10 13.06 13.24
N LEU A 273 4.59 13.67 12.16
CA LEU A 273 4.41 13.08 10.83
C LEU A 273 5.19 11.79 10.67
N VAL A 274 4.49 10.74 10.25
CA VAL A 274 5.08 9.43 10.02
C VAL A 274 5.30 9.16 8.53
N ALA A 275 4.35 9.57 7.69
CA ALA A 275 4.45 9.27 6.26
C ALA A 275 3.57 10.23 5.49
N SER A 276 3.93 10.43 4.24
N SER A 276 3.89 10.40 4.21
CA SER A 276 3.18 11.26 3.32
CA SER A 276 3.11 11.27 3.35
C SER A 276 2.89 10.45 2.07
C SER A 276 2.96 10.64 1.99
N VAL A 277 1.76 10.73 1.43
CA VAL A 277 1.40 10.12 0.16
C VAL A 277 0.85 11.22 -0.73
N ASP A 278 1.51 11.45 -1.88
CA ASP A 278 1.08 12.48 -2.82
C ASP A 278 0.48 11.82 -4.06
N ALA A 279 -0.72 12.23 -4.42
CA ALA A 279 -1.38 11.83 -5.66
C ALA A 279 -1.46 10.31 -5.80
N LEU A 280 -2.07 9.69 -4.79
CA LEU A 280 -2.56 8.33 -4.96
C LEU A 280 -3.63 8.34 -6.06
N GLN A 281 -3.41 7.57 -7.12
CA GLN A 281 -4.30 7.56 -8.27
C GLN A 281 -5.13 6.28 -8.23
N LEU A 282 -6.46 6.44 -8.22
CA LEU A 282 -7.38 5.32 -8.12
C LEU A 282 -8.18 5.19 -9.40
N LYS A 283 -8.41 3.95 -9.85
CA LYS A 283 -9.23 3.73 -11.03
C LYS A 283 -10.12 2.52 -10.80
N ARG A 284 -11.36 2.59 -11.29
CA ARG A 284 -12.28 1.47 -11.14
C ARG A 284 -11.77 0.25 -11.91
N ALA A 285 -11.85 -0.90 -11.27
CA ALA A 285 -11.44 -2.14 -11.92
C ALA A 285 -12.45 -2.54 -12.99
N SER A 286 -11.95 -3.00 -14.13
CA SER A 286 -12.81 -3.47 -15.20
C SER A 286 -13.07 -4.96 -15.04
MG MG B . -5.22 -2.81 -4.37
#